data_4CZ7
#
_entry.id   4CZ7
#
_cell.length_a   71.734
_cell.length_b   45.717
_cell.length_c   55.486
_cell.angle_alpha   90.00
_cell.angle_beta   92.60
_cell.angle_gamma   90.00
#
_symmetry.space_group_name_H-M   'C 1 2 1'
#
loop_
_entity.id
_entity.type
_entity.pdbx_description
1 polymer 'CELLULAR TUMOR ANTIGEN P53'
2 non-polymer 'PHOSPHATE ION'
3 non-polymer GLYCEROL
4 water water
#
_entity_poly.entity_id   1
_entity_poly.type   'polypeptide(L)'
_entity_poly.pdbx_seq_one_letter_code
;GGSEEIFTLQVRGRERYEILKKLNDSLELSDVV
;
_entity_poly.pdbx_strand_id   A,B,C,D,E,F
#
loop_
_chem_comp.id
_chem_comp.type
_chem_comp.name
_chem_comp.formula
GOL non-polymer GLYCEROL 'C3 H8 O3'
PO4 non-polymer 'PHOSPHATE ION' 'O4 P -3'
#
# COMPACT_ATOMS: atom_id res chain seq x y z
N GLU A 4 16.01 -11.71 -4.27
CA GLU A 4 16.04 -10.44 -5.06
C GLU A 4 17.22 -9.56 -4.65
N GLU A 5 17.64 -8.67 -5.53
CA GLU A 5 18.69 -7.72 -5.20
C GLU A 5 18.19 -6.71 -4.18
N ILE A 6 19.15 -6.14 -3.47
CA ILE A 6 18.88 -5.00 -2.59
C ILE A 6 19.41 -3.75 -3.28
N PHE A 7 18.55 -2.74 -3.31
CA PHE A 7 18.81 -1.44 -3.92
C PHE A 7 18.93 -0.38 -2.86
N THR A 8 19.63 0.70 -3.16
CA THR A 8 19.77 1.79 -2.21
C THR A 8 19.08 3.06 -2.70
N LEU A 9 18.58 3.83 -1.73
CA LEU A 9 18.08 5.17 -1.91
C LEU A 9 18.73 6.05 -0.86
N GLN A 10 19.30 7.18 -1.27
CA GLN A 10 19.83 8.15 -0.32
C GLN A 10 18.72 9.07 0.16
N VAL A 11 18.56 9.18 1.48
CA VAL A 11 17.45 9.90 2.06
C VAL A 11 18.00 11.00 2.96
N ARG A 12 17.63 12.25 2.66
CA ARG A 12 18.12 13.39 3.43
C ARG A 12 17.26 13.61 4.66
N GLY A 13 17.89 13.53 5.82
CA GLY A 13 17.26 13.90 7.08
C GLY A 13 16.67 12.72 7.82
N ARG A 14 16.82 12.73 9.13
CA ARG A 14 16.37 11.62 9.97
C ARG A 14 14.87 11.39 9.90
N GLU A 15 14.07 12.44 9.97
CA GLU A 15 12.63 12.22 9.99
C GLU A 15 12.15 11.65 8.66
N ARG A 16 12.73 12.09 7.56
CA ARG A 16 12.39 11.55 6.24
C ARG A 16 12.81 10.07 6.13
N TYR A 17 14.01 9.77 6.60
CA TYR A 17 14.45 8.40 6.65
C TYR A 17 13.49 7.55 7.47
N GLU A 18 13.06 8.06 8.63
CA GLU A 18 12.18 7.27 9.49
C GLU A 18 10.84 6.96 8.83
N ILE A 19 10.25 7.90 8.11
CA ILE A 19 8.96 7.61 7.47
C ILE A 19 9.13 6.58 6.36
N LEU A 20 10.19 6.69 5.58
CA LEU A 20 10.41 5.72 4.51
C LEU A 20 10.81 4.34 5.08
N LYS A 21 11.58 4.32 6.16
CA LYS A 21 11.92 3.07 6.83
C LYS A 21 10.66 2.37 7.35
N LYS A 22 9.73 3.14 7.90
CA LYS A 22 8.47 2.58 8.39
C LYS A 22 7.74 1.87 7.25
N LEU A 23 7.68 2.51 6.10
CA LEU A 23 7.03 1.92 4.93
C LEU A 23 7.77 0.70 4.40
N ASN A 24 9.08 0.79 4.33
CA ASN A 24 9.89 -0.35 3.88
C ASN A 24 9.72 -1.56 4.82
N ASP A 25 9.77 -1.30 6.12
CA ASP A 25 9.60 -2.37 7.10
C ASP A 25 8.20 -2.98 6.99
N SER A 26 7.17 -2.14 6.78
CA SER A 26 5.82 -2.65 6.54
C SER A 26 5.77 -3.56 5.31
N LEU A 27 6.38 -3.12 4.23
CA LEU A 27 6.38 -3.88 2.99
C LEU A 27 7.14 -5.21 3.15
N GLU A 28 8.20 -5.23 3.95
CA GLU A 28 8.93 -6.46 4.23
C GLU A 28 8.04 -7.45 4.97
N LEU A 29 7.18 -6.96 5.85
CA LEU A 29 6.25 -7.82 6.58
C LEU A 29 5.08 -8.28 5.73
N SER A 30 4.49 -7.36 4.97
CA SER A 30 3.26 -7.66 4.25
C SER A 30 3.46 -8.34 2.91
N ASP A 31 4.59 -8.02 2.28
CA ASP A 31 4.87 -8.40 0.90
C ASP A 31 3.80 -7.95 -0.10
N VAL A 32 3.18 -6.80 0.15
CA VAL A 32 2.19 -6.26 -0.80
C VAL A 32 2.87 -5.85 -2.10
N VAL A 33 4.08 -5.32 -1.97
CA VAL A 33 4.96 -4.96 -3.10
C VAL A 33 6.33 -5.55 -2.79
N GLY B 2 23.58 23.50 11.67
CA GLY B 2 24.73 22.56 11.68
C GLY B 2 24.80 21.75 10.39
N SER B 3 25.20 20.49 10.50
CA SER B 3 25.38 19.61 9.35
C SER B 3 24.06 18.93 8.97
N GLU B 4 24.08 18.19 7.87
CA GLU B 4 22.94 17.43 7.41
C GLU B 4 23.32 15.97 7.29
N GLU B 5 22.44 15.08 7.71
CA GLU B 5 22.69 13.65 7.63
CA GLU B 5 22.68 13.65 7.65
C GLU B 5 21.86 13.04 6.53
N ILE B 6 22.52 12.20 5.73
CA ILE B 6 21.91 11.46 4.64
CA ILE B 6 21.88 11.45 4.69
C ILE B 6 22.02 9.97 4.98
N PHE B 7 20.89 9.27 4.94
CA PHE B 7 20.81 7.87 5.32
C PHE B 7 20.60 7.01 4.09
N THR B 8 21.24 5.86 4.05
CA THR B 8 21.06 4.92 2.98
C THR B 8 19.94 3.95 3.33
N LEU B 9 18.80 4.10 2.66
CA LEU B 9 17.70 3.16 2.76
C LEU B 9 17.94 2.00 1.81
N GLN B 10 17.82 0.79 2.32
CA GLN B 10 18.01 -0.42 1.54
C GLN B 10 16.67 -1.09 1.32
N VAL B 11 16.40 -1.44 0.07
CA VAL B 11 15.09 -1.96 -0.32
C VAL B 11 15.28 -3.23 -1.14
N ARG B 12 14.61 -4.31 -0.72
CA ARG B 12 14.66 -5.58 -1.44
C ARG B 12 13.65 -5.61 -2.56
N GLY B 13 14.13 -5.85 -3.78
CA GLY B 13 13.25 -6.04 -4.92
C GLY B 13 13.03 -4.80 -5.72
N ARG B 14 13.06 -4.95 -7.04
CA ARG B 14 13.00 -3.79 -7.93
C ARG B 14 11.68 -3.05 -7.83
N GLU B 15 10.57 -3.76 -7.79
CA GLU B 15 9.27 -3.08 -7.74
C GLU B 15 9.08 -2.31 -6.42
N ARG B 16 9.53 -2.90 -5.31
CA ARG B 16 9.48 -2.22 -4.03
C ARG B 16 10.40 -1.00 -4.02
N TYR B 17 11.58 -1.16 -4.59
CA TYR B 17 12.50 -0.04 -4.76
C TYR B 17 11.85 1.09 -5.55
N GLU B 18 11.17 0.77 -6.65
CA GLU B 18 10.57 1.81 -7.48
C GLU B 18 9.50 2.59 -6.73
N ILE B 19 8.65 1.93 -5.95
CA ILE B 19 7.62 2.66 -5.22
C ILE B 19 8.25 3.61 -4.19
N LEU B 20 9.24 3.12 -3.44
CA LEU B 20 9.89 3.95 -2.46
C LEU B 20 10.75 5.06 -3.08
N LYS B 21 11.32 4.80 -4.27
CA LYS B 21 12.03 5.84 -4.99
C LYS B 21 11.09 6.97 -5.41
N LYS B 22 9.92 6.63 -5.91
CA LYS B 22 8.95 7.68 -6.25
C LYS B 22 8.60 8.54 -5.04
N LEU B 23 8.40 7.89 -3.90
CA LEU B 23 8.10 8.63 -2.67
C LEU B 23 9.27 9.52 -2.25
N ASN B 24 10.48 8.96 -2.22
CA ASN B 24 11.64 9.75 -1.83
C ASN B 24 11.86 10.92 -2.77
N ASP B 25 11.72 10.69 -4.06
CA ASP B 25 11.93 11.78 -5.02
C ASP B 25 10.91 12.89 -4.76
N SER B 26 9.68 12.52 -4.47
CA SER B 26 8.66 13.52 -4.15
C SER B 26 9.01 14.27 -2.88
N LEU B 27 9.45 13.55 -1.84
CA LEU B 27 9.82 14.19 -0.57
C LEU B 27 11.01 15.13 -0.71
N GLU B 28 11.96 14.79 -1.58
CA GLU B 28 13.11 15.66 -1.83
C GLU B 28 12.71 17.00 -2.41
N LEU B 29 11.68 16.99 -3.24
CA LEU B 29 11.16 18.23 -3.77
C LEU B 29 10.31 18.97 -2.73
N SER B 30 9.34 18.27 -2.15
CA SER B 30 8.32 18.94 -1.36
C SER B 30 8.81 19.36 0.02
N ASP B 31 9.75 18.60 0.57
CA ASP B 31 10.29 18.84 1.90
C ASP B 31 9.23 18.87 2.98
N VAL B 32 8.15 18.10 2.79
CA VAL B 32 7.11 18.10 3.82
C VAL B 32 7.58 17.35 5.07
N VAL B 33 8.58 16.47 4.91
CA VAL B 33 9.36 15.92 6.02
C VAL B 33 10.80 15.71 5.49
N SER C 3 -12.58 15.00 -17.65
CA SER C 3 -12.94 15.39 -16.25
C SER C 3 -11.79 15.00 -15.33
N GLU C 4 -11.78 15.56 -14.14
CA GLU C 4 -10.78 15.28 -13.12
C GLU C 4 -11.35 14.25 -12.19
N GLU C 5 -10.67 13.11 -12.04
CA GLU C 5 -11.12 12.09 -11.12
C GLU C 5 -10.45 12.28 -9.76
N ILE C 6 -11.27 12.35 -8.73
CA ILE C 6 -10.79 12.39 -7.36
CA ILE C 6 -10.82 12.40 -7.35
C ILE C 6 -11.06 11.03 -6.74
N PHE C 7 -9.99 10.34 -6.40
CA PHE C 7 -10.06 9.01 -5.84
C PHE C 7 -10.20 9.13 -4.34
N THR C 8 -10.92 8.18 -3.75
CA THR C 8 -11.10 8.12 -2.30
C THR C 8 -10.35 6.93 -1.72
N LEU C 9 -9.51 7.23 -0.74
CA LEU C 9 -8.75 6.22 -0.01
C LEU C 9 -9.30 6.17 1.41
N GLN C 10 -9.97 5.06 1.75
CA GLN C 10 -10.49 4.85 3.09
C GLN C 10 -9.39 4.25 3.97
N VAL C 11 -9.15 4.86 5.13
CA VAL C 11 -8.02 4.51 5.99
C VAL C 11 -8.51 4.32 7.42
N ARG C 12 -8.19 3.17 8.00
CA ARG C 12 -8.52 2.92 9.40
C ARG C 12 -7.45 3.47 10.31
N GLY C 13 -7.86 4.35 11.21
CA GLY C 13 -7.00 4.79 12.31
C GLY C 13 -6.33 6.11 12.06
N ARG C 14 -6.26 6.93 13.10
CA ARG C 14 -5.73 8.29 12.96
C ARG C 14 -4.26 8.31 12.60
N GLU C 15 -3.45 7.51 13.27
CA GLU C 15 -2.01 7.55 13.01
C GLU C 15 -1.72 7.12 11.57
N ARG C 16 -2.39 6.06 11.11
CA ARG C 16 -2.22 5.57 9.75
C ARG C 16 -2.65 6.65 8.75
N TYR C 17 -3.81 7.26 9.00
CA TYR C 17 -4.26 8.36 8.17
C TYR C 17 -3.24 9.48 8.13
N GLU C 18 -2.66 9.84 9.26
CA GLU C 18 -1.73 10.97 9.27
C GLU C 18 -0.46 10.68 8.46
N ILE C 19 0.03 9.43 8.50
CA ILE C 19 1.19 9.06 7.68
C ILE C 19 0.83 9.18 6.21
N LEU C 20 -0.29 8.60 5.83
CA LEU C 20 -0.68 8.63 4.42
C LEU C 20 -1.01 10.04 3.95
N LYS C 21 -1.59 10.86 4.82
CA LYS C 21 -1.88 12.24 4.46
C LYS C 21 -0.58 13.01 4.21
N LYS C 22 0.44 12.79 5.04
CA LYS C 22 1.75 13.45 4.83
C LYS C 22 2.32 13.06 3.46
N LEU C 23 2.24 11.77 3.15
CA LEU C 23 2.73 11.31 1.86
C LEU C 23 1.91 11.89 0.72
N ASN C 24 0.59 11.95 0.85
CA ASN C 24 -0.24 12.61 -0.14
C ASN C 24 0.13 14.09 -0.29
N ASP C 25 0.41 14.76 0.82
CA ASP C 25 0.81 16.17 0.76
C ASP C 25 2.01 16.31 -0.19
N SER C 26 2.97 15.40 -0.07
CA SER C 26 4.13 15.43 -0.94
C SER C 26 3.76 15.10 -2.38
N LEU C 27 3.04 14.00 -2.56
CA LEU C 27 2.73 13.54 -3.91
C LEU C 27 1.90 14.55 -4.70
N GLU C 28 1.00 15.26 -4.04
CA GLU C 28 0.15 16.24 -4.73
C GLU C 28 0.95 17.45 -5.18
N LEU C 29 2.07 17.74 -4.54
CA LEU C 29 2.96 18.81 -4.97
C LEU C 29 3.79 18.38 -6.18
N SER C 30 4.07 17.11 -6.33
CA SER C 30 4.83 16.58 -7.45
C SER C 30 4.00 16.51 -8.72
N ASP C 31 4.50 17.13 -9.78
CA ASP C 31 3.81 17.12 -11.05
C ASP C 31 3.99 15.80 -11.80
N VAL C 32 5.18 15.20 -11.70
CA VAL C 32 5.50 13.93 -12.35
C VAL C 32 5.82 12.94 -11.26
N VAL C 33 5.04 11.88 -11.18
CA VAL C 33 5.25 10.83 -10.18
C VAL C 33 5.47 9.52 -10.92
N SER D 3 -14.07 1.65 19.84
CA SER D 3 -14.45 2.12 18.48
C SER D 3 -13.25 2.22 17.55
N GLU D 4 -13.53 2.28 16.26
CA GLU D 4 -12.50 2.59 15.27
C GLU D 4 -12.97 3.77 14.44
N GLU D 5 -12.02 4.46 13.83
CA GLU D 5 -12.34 5.58 12.99
C GLU D 5 -11.84 5.30 11.57
N ILE D 6 -12.70 5.55 10.58
CA ILE D 6 -12.32 5.45 9.18
CA ILE D 6 -12.34 5.45 9.18
C ILE D 6 -12.25 6.87 8.62
N PHE D 7 -11.08 7.21 8.11
CA PHE D 7 -10.82 8.51 7.52
C PHE D 7 -10.82 8.37 6.01
N THR D 8 -11.21 9.44 5.34
CA THR D 8 -11.23 9.50 3.91
C THR D 8 -10.14 10.44 3.43
N LEU D 9 -9.24 9.92 2.60
CA LEU D 9 -8.18 10.71 1.98
C LEU D 9 -8.50 10.83 0.50
N GLN D 10 -8.67 12.05 0.01
CA GLN D 10 -9.00 12.29 -1.39
CA GLN D 10 -8.98 12.29 -1.39
C GLN D 10 -7.72 12.61 -2.17
N VAL D 11 -7.58 11.96 -3.31
CA VAL D 11 -6.34 11.94 -4.06
C VAL D 11 -6.62 12.27 -5.52
N ARG D 12 -5.80 13.10 -6.14
CA ARG D 12 -5.79 13.28 -7.62
C ARG D 12 -4.66 12.48 -8.30
N GLY D 13 -4.92 11.91 -9.47
CA GLY D 13 -3.89 11.24 -10.25
C GLY D 13 -3.85 9.77 -9.90
N ARG D 14 -4.05 8.95 -10.91
CA ARG D 14 -4.17 7.50 -10.70
C ARG D 14 -2.91 6.95 -10.06
N GLU D 15 -1.73 7.39 -10.52
CA GLU D 15 -0.48 6.90 -9.96
C GLU D 15 -0.37 7.30 -8.51
N ARG D 16 -0.77 8.52 -8.14
CA ARG D 16 -0.71 8.90 -6.73
C ARG D 16 -1.59 7.99 -5.89
N TYR D 17 -2.81 7.76 -6.37
CA TYR D 17 -3.76 6.90 -5.67
C TYR D 17 -3.26 5.45 -5.55
N GLU D 18 -2.70 4.93 -6.64
CA GLU D 18 -2.21 3.56 -6.61
C GLU D 18 -1.07 3.39 -5.62
N ILE D 19 -0.16 4.37 -5.54
CA ILE D 19 0.93 4.31 -4.57
C ILE D 19 0.35 4.28 -3.16
N LEU D 20 -0.55 5.21 -2.88
CA LEU D 20 -1.09 5.31 -1.52
C LEU D 20 -1.90 4.10 -1.13
N LYS D 21 -2.63 3.52 -2.09
CA LYS D 21 -3.41 2.31 -1.82
CA LYS D 21 -3.40 2.28 -1.82
C LYS D 21 -2.49 1.14 -1.45
N LYS D 22 -1.37 0.99 -2.15
CA LYS D 22 -0.43 -0.08 -1.81
C LYS D 22 0.12 0.09 -0.41
N LEU D 23 0.45 1.33 -0.05
CA LEU D 23 0.97 1.59 1.28
C LEU D 23 -0.08 1.33 2.37
N ASN D 24 -1.31 1.78 2.13
CA ASN D 24 -2.40 1.51 3.07
C ASN D 24 -2.60 0.02 3.26
N ASP D 25 -2.62 -0.71 2.17
CA ASP D 25 -2.78 -2.16 2.21
C ASP D 25 -1.66 -2.79 3.01
N SER D 26 -0.43 -2.34 2.79
CA SER D 26 0.71 -2.88 3.51
C SER D 26 0.59 -2.64 5.02
N LEU D 27 0.21 -1.42 5.39
CA LEU D 27 0.08 -1.07 6.81
C LEU D 27 -1.05 -1.85 7.48
N GLU D 28 -2.14 -2.09 6.76
CA GLU D 28 -3.19 -2.95 7.28
C GLU D 28 -2.67 -4.32 7.65
N LEU D 29 -1.74 -4.85 6.87
CA LEU D 29 -1.20 -6.17 7.10
CA LEU D 29 -1.18 -6.18 7.05
C LEU D 29 -0.03 -6.19 8.07
N SER D 30 0.75 -5.12 8.15
CA SER D 30 1.93 -5.14 9.01
C SER D 30 1.66 -4.67 10.43
N ASP D 31 0.64 -3.87 10.64
CA ASP D 31 0.35 -3.39 11.98
CA ASP D 31 0.22 -3.38 11.96
C ASP D 31 -0.05 -4.56 12.89
N VAL D 32 0.33 -4.46 14.15
CA VAL D 32 0.03 -5.50 15.11
C VAL D 32 -1.46 -5.79 15.21
N VAL D 33 -2.29 -4.76 15.10
CA VAL D 33 -3.75 -4.95 15.10
C VAL D 33 -4.41 -4.42 13.82
N GLY E 2 -1.94 -13.06 18.82
CA GLY E 2 -0.45 -13.14 18.82
C GLY E 2 0.21 -13.67 17.56
N SER E 3 -0.55 -14.39 16.74
CA SER E 3 -0.06 -14.88 15.46
C SER E 3 -1.06 -14.44 14.38
N GLU E 4 -0.53 -13.85 13.34
CA GLU E 4 -1.29 -13.33 12.21
C GLU E 4 -0.89 -14.17 11.04
N GLU E 5 -1.88 -14.59 10.25
CA GLU E 5 -1.59 -15.35 9.03
CA GLU E 5 -1.60 -15.35 9.03
C GLU E 5 -1.94 -14.48 7.83
N ILE E 6 -0.98 -14.31 6.93
CA ILE E 6 -1.22 -13.58 5.68
C ILE E 6 -1.26 -14.60 4.56
N PHE E 7 -2.40 -14.65 3.88
CA PHE E 7 -2.63 -15.56 2.77
C PHE E 7 -2.45 -14.85 1.45
N THR E 8 -2.00 -15.59 0.44
CA THR E 8 -1.90 -15.04 -0.91
C THR E 8 -3.00 -15.64 -1.79
N LEU E 9 -3.95 -14.82 -2.20
CA LEU E 9 -5.01 -15.25 -3.10
C LEU E 9 -4.55 -15.03 -4.52
N GLN E 10 -4.68 -16.05 -5.36
CA GLN E 10 -4.23 -16.01 -6.76
C GLN E 10 -5.43 -16.00 -7.68
N VAL E 11 -5.55 -14.93 -8.45
CA VAL E 11 -6.78 -14.62 -9.16
C VAL E 11 -6.50 -14.56 -10.64
N ARG E 12 -7.29 -15.30 -11.40
CA ARG E 12 -7.18 -15.36 -12.85
C ARG E 12 -7.97 -14.22 -13.48
N GLY E 13 -7.27 -13.29 -14.15
CA GLY E 13 -7.91 -12.25 -14.93
C GLY E 13 -7.92 -10.92 -14.21
N ARG E 14 -7.65 -9.86 -14.95
CA ARG E 14 -7.46 -8.55 -14.35
C ARG E 14 -8.75 -8.01 -13.75
N GLU E 15 -9.87 -8.13 -14.46
CA GLU E 15 -11.13 -7.60 -13.93
C GLU E 15 -11.58 -8.35 -12.68
N ARG E 16 -11.40 -9.67 -12.69
CA ARG E 16 -11.70 -10.50 -11.53
C ARG E 16 -10.84 -10.09 -10.33
N TYR E 17 -9.54 -9.88 -10.59
CA TYR E 17 -8.61 -9.39 -9.59
C TYR E 17 -9.03 -8.05 -9.02
N GLU E 18 -9.42 -7.11 -9.88
CA GLU E 18 -9.79 -5.80 -9.40
C GLU E 18 -11.03 -5.85 -8.50
N ILE E 19 -12.01 -6.70 -8.82
CA ILE E 19 -13.18 -6.86 -7.97
C ILE E 19 -12.78 -7.44 -6.61
N LEU E 20 -11.98 -8.50 -6.61
CA LEU E 20 -11.60 -9.10 -5.35
C LEU E 20 -10.71 -8.16 -4.52
N LYS E 21 -9.88 -7.36 -5.16
CA LYS E 21 -9.11 -6.35 -4.44
C LYS E 21 -10.01 -5.34 -3.74
N LYS E 22 -11.07 -4.90 -4.41
CA LYS E 22 -12.01 -3.94 -3.80
CA LYS E 22 -11.98 -3.94 -3.81
C LYS E 22 -12.65 -4.58 -2.59
N LEU E 23 -13.03 -5.85 -2.70
CA LEU E 23 -13.64 -6.52 -1.59
C LEU E 23 -12.67 -6.69 -0.44
N ASN E 24 -11.43 -7.07 -0.74
CA ASN E 24 -10.41 -7.13 0.28
C ASN E 24 -10.22 -5.77 0.95
N ASP E 25 -10.18 -4.72 0.15
CA ASP E 25 -10.02 -3.38 0.72
C ASP E 25 -11.11 -3.11 1.79
N SER E 26 -12.34 -3.49 1.48
CA SER E 26 -13.42 -3.32 2.44
C SER E 26 -13.22 -4.21 3.66
N LEU E 27 -12.92 -5.48 3.44
CA LEU E 27 -12.78 -6.44 4.52
C LEU E 27 -11.67 -6.04 5.47
N GLU E 28 -10.59 -5.47 4.95
CA GLU E 28 -9.43 -5.16 5.77
C GLU E 28 -9.68 -3.99 6.70
N LEU E 29 -10.75 -3.21 6.50
CA LEU E 29 -11.03 -2.01 7.27
C LEU E 29 -11.87 -2.26 8.52
N SER E 30 -12.40 -3.46 8.69
CA SER E 30 -13.18 -3.77 9.89
C SER E 30 -13.10 -5.26 10.18
N ASP E 31 -13.73 -5.68 11.26
CA ASP E 31 -13.79 -7.09 11.67
C ASP E 31 -14.90 -7.86 10.97
N SER F 3 -0.23 -10.54 -21.56
CA SER F 3 0.50 -11.72 -21.01
C SER F 3 0.41 -11.92 -19.51
N GLU F 4 -0.08 -10.95 -18.75
CA GLU F 4 -0.29 -11.12 -17.32
C GLU F 4 -1.58 -11.89 -17.09
N GLU F 5 -1.47 -13.05 -16.45
CA GLU F 5 -2.58 -14.00 -16.39
C GLU F 5 -3.18 -14.13 -15.00
N ILE F 6 -2.33 -14.35 -14.02
CA ILE F 6 -2.75 -14.56 -12.66
CA ILE F 6 -2.73 -14.60 -12.63
C ILE F 6 -2.10 -13.52 -11.78
N PHE F 7 -2.95 -12.89 -10.97
CA PHE F 7 -2.58 -11.78 -10.09
C PHE F 7 -2.66 -12.24 -8.65
N THR F 8 -1.92 -11.59 -7.76
CA THR F 8 -1.90 -12.01 -6.39
C THR F 8 -2.34 -10.89 -5.47
N LEU F 9 -3.05 -11.30 -4.43
CA LEU F 9 -3.59 -10.43 -3.42
C LEU F 9 -3.24 -10.95 -2.05
N GLN F 10 -2.69 -10.11 -1.16
CA GLN F 10 -2.39 -10.50 0.23
C GLN F 10 -3.59 -10.23 1.10
N VAL F 11 -3.96 -11.21 1.92
CA VAL F 11 -5.17 -11.14 2.73
C VAL F 11 -4.83 -11.49 4.17
N ARG F 12 -5.27 -10.65 5.11
CA ARG F 12 -5.01 -10.85 6.53
C ARG F 12 -6.08 -11.74 7.19
N GLY F 13 -5.67 -12.91 7.65
CA GLY F 13 -6.49 -13.76 8.49
C GLY F 13 -7.33 -14.76 7.73
N ARG F 14 -7.60 -15.86 8.40
CA ARG F 14 -8.31 -16.99 7.80
C ARG F 14 -9.72 -16.62 7.37
N GLU F 15 -10.44 -15.85 8.18
CA GLU F 15 -11.83 -15.51 7.89
C GLU F 15 -11.95 -14.70 6.61
N ARG F 16 -11.17 -13.62 6.50
CA ARG F 16 -11.17 -12.82 5.28
C ARG F 16 -10.73 -13.68 4.09
N TYR F 17 -9.70 -14.48 4.28
CA TYR F 17 -9.21 -15.31 3.19
C TYR F 17 -10.28 -16.27 2.71
N GLU F 18 -10.97 -16.94 3.62
CA GLU F 18 -11.95 -17.94 3.22
C GLU F 18 -13.12 -17.33 2.46
N ILE F 19 -13.58 -16.14 2.83
CA ILE F 19 -14.64 -15.41 2.11
CA ILE F 19 -14.65 -15.56 2.09
C ILE F 19 -14.20 -15.17 0.66
N LEU F 20 -13.02 -14.58 0.53
CA LEU F 20 -12.52 -14.23 -0.79
C LEU F 20 -12.19 -15.46 -1.62
N LYS F 21 -11.68 -16.51 -0.97
CA LYS F 21 -11.38 -17.75 -1.64
C LYS F 21 -12.64 -18.43 -2.17
N LYS F 22 -13.71 -18.44 -1.38
CA LYS F 22 -14.95 -19.01 -1.86
C LYS F 22 -15.44 -18.27 -3.09
N LEU F 23 -15.36 -16.94 -3.06
CA LEU F 23 -15.74 -16.16 -4.23
C LEU F 23 -14.85 -16.47 -5.43
N ASN F 24 -13.54 -16.50 -5.21
CA ASN F 24 -12.60 -16.77 -6.30
C ASN F 24 -12.84 -18.14 -6.92
N ASP F 25 -13.07 -19.13 -6.06
CA ASP F 25 -13.33 -20.48 -6.54
C ASP F 25 -14.63 -20.53 -7.35
N SER F 26 -15.65 -19.81 -6.88
CA SER F 26 -16.90 -19.74 -7.62
C SER F 26 -16.69 -19.09 -8.99
N LEU F 27 -15.94 -18.00 -9.01
CA LEU F 27 -15.67 -17.27 -10.22
C LEU F 27 -14.85 -18.10 -11.20
N GLU F 28 -13.93 -18.90 -10.71
CA GLU F 28 -13.17 -19.78 -11.59
C GLU F 28 -14.08 -20.78 -12.29
N LEU F 29 -15.09 -21.29 -11.59
CA LEU F 29 -16.02 -22.21 -12.19
C LEU F 29 -17.00 -21.54 -13.13
N SER F 30 -17.50 -20.36 -12.78
CA SER F 30 -18.57 -19.73 -13.55
C SER F 30 -18.09 -18.87 -14.70
N ASP F 31 -16.91 -18.30 -14.53
CA ASP F 31 -16.36 -17.32 -15.46
C ASP F 31 -17.31 -16.15 -15.73
N VAL F 32 -18.07 -15.74 -14.71
CA VAL F 32 -18.97 -14.60 -14.86
C VAL F 32 -18.17 -13.33 -15.14
N VAL F 33 -17.00 -13.23 -14.52
CA VAL F 33 -16.04 -12.19 -14.86
C VAL F 33 -14.63 -12.75 -14.71
P PO4 G . -7.04 13.02 -12.49
O1 PO4 G . -5.73 12.65 -13.10
O2 PO4 G . -8.23 12.64 -13.36
O3 PO4 G . -7.14 14.51 -12.28
O4 PO4 G . -7.16 12.35 -11.13
P PO4 H . -3.70 15.38 -12.20
O1 PO4 H . -5.14 15.76 -11.91
O2 PO4 H . -3.57 13.89 -12.38
O3 PO4 H . -2.87 15.75 -11.00
O4 PO4 H . -3.20 16.11 -13.41
C1 GOL I . -7.49 0.75 -0.19
O1 GOL I . -6.18 0.80 0.41
C2 GOL I . -8.47 1.77 0.37
O2 GOL I . -8.93 1.34 1.66
C3 GOL I . -9.65 1.91 -0.58
O3 GOL I . -10.59 2.86 -0.09
P PO4 J . -1.48 -4.09 -9.17
O1 PO4 J . -0.28 -3.28 -8.72
O2 PO4 J . -1.00 -5.40 -9.76
O3 PO4 J . -2.25 -3.34 -10.23
O4 PO4 J . -2.39 -4.40 -8.01
#